data_2QC3
#
_entry.id   2QC3
#
_cell.length_a   36.520
_cell.length_b   48.171
_cell.length_c   77.414
_cell.angle_alpha   90.00
_cell.angle_beta   98.89
_cell.angle_gamma   90.00
#
_symmetry.space_group_name_H-M   'P 1 21 1'
#
loop_
_entity.id
_entity.type
_entity.pdbx_description
1 polymer 'Malonyl CoA-acyl carrier protein transacylase'
2 non-polymer 'ACETIC ACID'
3 water water
#
_entity_poly.entity_id   1
_entity_poly.type   'polypeptide(L)'
_entity_poly.pdbx_seq_one_letter_code
;HMIALLAPGQGSQTEGMLSPWLQLPGAADQIAAWSKAADLDLARLGTTASTEEITDTAVAQPLIVAATLLAHQELARRCV
LAGKDVIVAGHSVGEIAAYAIAGVIAADDAVALAATRGAEMAKACATEPTGMSAVLGGDETEVLSRLEQLDLVPANRNAA
GQIVAAGRLTALEKLAEDPPAKARVRALGVAGAFHTEFMAPALDGFAAAAANIATADPTATLLSNRDGKPVTSAAAAMDT
LVSQLTQPVRWDLCTATLREHTVTAIVEFPPAGTLSGIAKRELRGVPARAVKSPADLDELANL
;
_entity_poly.pdbx_strand_id   A
#
loop_
_chem_comp.id
_chem_comp.type
_chem_comp.name
_chem_comp.formula
ACY non-polymer 'ACETIC ACID' 'C2 H4 O2'
#
# COMPACT_ATOMS: atom_id res chain seq x y z
N HIS A 1 21.49 13.56 5.17
CA HIS A 1 21.05 12.22 4.68
C HIS A 1 19.53 12.17 4.56
N MET A 2 19.00 10.99 4.22
CA MET A 2 17.56 10.83 4.05
C MET A 2 17.11 9.42 4.39
N ILE A 3 16.01 9.32 5.13
CA ILE A 3 15.45 8.01 5.51
C ILE A 3 14.18 7.75 4.71
N ALA A 4 14.12 6.60 4.07
CA ALA A 4 12.94 6.25 3.27
C ALA A 4 11.91 5.55 4.16
N LEU A 5 10.71 6.11 4.20
CA LEU A 5 9.63 5.52 4.98
C LEU A 5 8.65 4.87 3.99
N LEU A 6 8.54 3.56 4.05
CA LEU A 6 7.67 2.82 3.12
C LEU A 6 6.46 2.21 3.81
N ALA A 7 5.29 2.47 3.25
CA ALA A 7 4.03 1.94 3.79
C ALA A 7 3.52 0.80 2.92
N PRO A 8 3.37 -0.40 3.50
CA PRO A 8 2.89 -1.59 2.79
C PRO A 8 1.43 -1.56 2.34
N GLY A 9 1.13 -2.39 1.34
CA GLY A 9 -0.22 -2.49 0.82
C GLY A 9 -0.81 -3.86 1.16
N GLN A 10 -1.91 -4.24 0.49
CA GLN A 10 -2.54 -5.52 0.77
C GLN A 10 -1.66 -6.73 0.53
N GLY A 11 -1.99 -7.83 1.19
CA GLY A 11 -1.22 -9.06 1.04
C GLY A 11 -0.31 -9.31 2.22
N SER A 12 -0.11 -8.30 3.05
CA SER A 12 0.76 -8.43 4.21
C SER A 12 0.00 -8.61 5.52
N GLN A 13 -1.28 -8.27 5.53
CA GLN A 13 -2.09 -8.41 6.73
C GLN A 13 -2.12 -9.84 7.26
N THR A 14 -2.12 -9.96 8.59
CA THR A 14 -2.15 -11.26 9.25
C THR A 14 -2.90 -11.16 10.57
N GLU A 15 -3.56 -12.24 10.99
CA GLU A 15 -4.31 -12.22 12.24
C GLU A 15 -3.43 -11.81 13.41
N GLY A 16 -4.01 -11.04 14.32
CA GLY A 16 -3.27 -10.55 15.49
C GLY A 16 -2.22 -9.52 15.17
N MET A 17 -2.22 -8.99 13.95
CA MET A 17 -1.25 -7.99 13.52
C MET A 17 -1.21 -6.73 14.40
N LEU A 18 -2.30 -6.41 15.07
CA LEU A 18 -2.36 -5.23 15.92
C LEU A 18 -2.06 -5.50 17.40
N SER A 19 -2.09 -6.78 17.78
CA SER A 19 -1.84 -7.17 19.18
C SER A 19 -0.62 -6.49 19.79
N PRO A 20 0.55 -6.65 19.17
CA PRO A 20 1.77 -6.05 19.70
C PRO A 20 1.78 -4.53 19.71
N TRP A 21 0.80 -3.90 19.05
CA TRP A 21 0.75 -2.45 19.02
C TRP A 21 -0.26 -1.85 19.98
N LEU A 22 -1.31 -2.61 20.30
CA LEU A 22 -2.34 -2.13 21.22
C LEU A 22 -1.82 -2.05 22.64
N GLN A 23 -0.55 -2.38 22.83
CA GLN A 23 0.07 -2.33 24.15
C GLN A 23 0.61 -0.93 24.42
N LEU A 24 0.95 -0.21 23.35
CA LEU A 24 1.49 1.14 23.48
C LEU A 24 0.48 2.09 24.12
N PRO A 25 0.98 3.15 24.76
CA PRO A 25 0.12 4.14 25.41
C PRO A 25 -0.65 4.97 24.39
N GLY A 26 -1.98 4.87 24.44
CA GLY A 26 -2.82 5.61 23.53
C GLY A 26 -3.24 4.78 22.33
N ALA A 27 -2.61 3.62 22.16
CA ALA A 27 -2.92 2.74 21.05
C ALA A 27 -4.40 2.36 21.05
N ALA A 28 -4.82 1.60 22.05
CA ALA A 28 -6.20 1.16 22.17
C ALA A 28 -7.18 2.31 21.94
N ASP A 29 -6.84 3.47 22.49
CA ASP A 29 -7.69 4.65 22.36
C ASP A 29 -7.76 5.16 20.93
N GLN A 30 -6.65 5.08 20.21
CA GLN A 30 -6.62 5.50 18.81
C GLN A 30 -7.41 4.56 17.92
N ILE A 31 -7.28 3.26 18.18
CA ILE A 31 -8.00 2.25 17.41
C ILE A 31 -9.50 2.44 17.60
N ALA A 32 -9.89 2.92 18.78
CA ALA A 32 -11.29 3.15 19.07
C ALA A 32 -11.75 4.32 18.21
N ALA A 33 -10.94 5.37 18.18
CA ALA A 33 -11.25 6.56 17.39
C ALA A 33 -11.31 6.22 15.91
N TRP A 34 -10.39 5.35 15.47
CA TRP A 34 -10.32 4.96 14.07
C TRP A 34 -11.43 3.96 13.72
N SER A 35 -11.82 3.15 14.68
CA SER A 35 -12.88 2.17 14.46
C SER A 35 -14.18 2.91 14.23
N LYS A 36 -14.29 4.09 14.84
CA LYS A 36 -15.48 4.92 14.70
C LYS A 36 -15.48 5.60 13.34
N ALA A 37 -14.35 6.19 12.97
CA ALA A 37 -14.21 6.88 11.69
C ALA A 37 -14.44 5.95 10.51
N ALA A 38 -14.01 4.71 10.65
CA ALA A 38 -14.16 3.70 9.59
C ALA A 38 -15.37 2.81 9.84
N ASP A 39 -16.10 3.08 10.92
CA ASP A 39 -17.27 2.30 11.29
C ASP A 39 -16.96 0.81 11.20
N LEU A 40 -15.83 0.42 11.79
CA LEU A 40 -15.38 -0.94 11.77
C LEU A 40 -14.69 -1.26 13.10
N ASP A 41 -14.98 -2.43 13.66
CA ASP A 41 -14.36 -2.84 14.93
C ASP A 41 -12.92 -3.27 14.63
N LEU A 42 -12.07 -2.31 14.32
CA LEU A 42 -10.67 -2.60 14.00
C LEU A 42 -9.96 -3.36 15.13
N ALA A 43 -10.36 -3.11 16.37
CA ALA A 43 -9.75 -3.77 17.52
C ALA A 43 -9.81 -5.29 17.39
N ARG A 44 -11.00 -5.84 17.24
CA ARG A 44 -11.15 -7.29 17.11
C ARG A 44 -10.61 -7.78 15.77
N LEU A 45 -10.76 -6.96 14.74
CA LEU A 45 -10.28 -7.32 13.41
C LEU A 45 -8.78 -7.54 13.37
N GLY A 46 -8.03 -6.68 14.06
CA GLY A 46 -6.59 -6.80 14.06
C GLY A 46 -6.01 -7.67 15.15
N THR A 47 -6.85 -8.20 16.03
CA THR A 47 -6.36 -9.05 17.11
C THR A 47 -6.92 -10.47 17.06
N THR A 48 -8.24 -10.61 17.19
CA THR A 48 -8.87 -11.93 17.18
C THR A 48 -9.32 -12.47 15.82
N ALA A 49 -9.83 -11.59 14.95
CA ALA A 49 -10.31 -12.02 13.64
C ALA A 49 -9.35 -12.98 12.94
N SER A 50 -9.91 -13.85 12.11
CA SER A 50 -9.11 -14.84 11.38
C SER A 50 -8.50 -14.24 10.12
N THR A 51 -7.33 -14.73 9.75
CA THR A 51 -6.63 -14.25 8.57
C THR A 51 -7.58 -14.25 7.37
N GLU A 52 -8.52 -15.17 7.37
CA GLU A 52 -9.48 -15.29 6.27
C GLU A 52 -10.48 -14.14 6.27
N GLU A 53 -11.00 -13.81 7.45
CA GLU A 53 -11.97 -12.73 7.56
C GLU A 53 -11.32 -11.38 7.25
N ILE A 54 -10.06 -11.24 7.62
CA ILE A 54 -9.33 -9.99 7.39
C ILE A 54 -8.78 -9.85 5.97
N THR A 55 -8.83 -10.93 5.21
CA THR A 55 -8.34 -10.88 3.83
C THR A 55 -9.39 -10.20 2.95
N ASP A 56 -10.56 -9.94 3.53
CA ASP A 56 -11.64 -9.25 2.83
C ASP A 56 -11.11 -7.84 2.60
N THR A 57 -11.00 -7.43 1.34
CA THR A 57 -10.44 -6.11 1.02
C THR A 57 -11.10 -4.96 1.77
N ALA A 58 -12.39 -5.08 2.04
CA ALA A 58 -13.11 -4.03 2.76
C ALA A 58 -12.56 -3.88 4.18
N VAL A 59 -11.90 -4.93 4.67
CA VAL A 59 -11.34 -4.94 6.01
C VAL A 59 -9.81 -4.77 6.06
N ALA A 60 -9.10 -5.50 5.22
CA ALA A 60 -7.65 -5.43 5.22
C ALA A 60 -7.10 -4.05 4.90
N GLN A 61 -7.79 -3.31 4.05
CA GLN A 61 -7.30 -1.99 3.69
C GLN A 61 -7.23 -1.02 4.91
N PRO A 62 -8.35 -0.83 5.63
CA PRO A 62 -8.27 0.08 6.78
C PRO A 62 -7.44 -0.51 7.91
N LEU A 63 -7.42 -1.83 8.00
CA LEU A 63 -6.67 -2.53 9.04
C LEU A 63 -5.18 -2.32 8.81
N ILE A 64 -4.75 -2.47 7.56
CA ILE A 64 -3.34 -2.28 7.21
C ILE A 64 -2.91 -0.83 7.47
N VAL A 65 -3.76 0.12 7.06
CA VAL A 65 -3.45 1.53 7.27
C VAL A 65 -3.42 1.81 8.76
N ALA A 66 -4.33 1.19 9.51
CA ALA A 66 -4.38 1.38 10.97
C ALA A 66 -3.08 0.91 11.63
N ALA A 67 -2.62 -0.28 11.24
CA ALA A 67 -1.39 -0.83 11.79
C ALA A 67 -0.23 0.10 11.47
N THR A 68 -0.18 0.57 10.24
CA THR A 68 0.87 1.47 9.81
C THR A 68 0.94 2.75 10.61
N LEU A 69 -0.21 3.39 10.79
CA LEU A 69 -0.26 4.65 11.51
C LEU A 69 -0.04 4.52 13.01
N LEU A 70 -0.40 3.38 13.61
CA LEU A 70 -0.16 3.21 15.04
C LEU A 70 1.35 3.32 15.26
N ALA A 71 2.10 2.65 14.39
CA ALA A 71 3.56 2.65 14.45
C ALA A 71 4.08 4.06 14.21
N HIS A 72 3.51 4.72 13.21
CA HIS A 72 3.90 6.09 12.89
C HIS A 72 3.58 7.02 14.05
N GLN A 73 2.42 6.79 14.66
CA GLN A 73 1.96 7.60 15.78
C GLN A 73 2.97 7.50 16.91
N GLU A 74 3.34 6.28 17.26
CA GLU A 74 4.29 6.04 18.33
C GLU A 74 5.65 6.61 17.95
N LEU A 75 6.01 6.45 16.68
CA LEU A 75 7.28 6.97 16.20
C LEU A 75 7.24 8.49 16.36
N ALA A 76 6.08 9.08 16.11
CA ALA A 76 5.90 10.52 16.25
C ALA A 76 5.96 10.92 17.72
N ARG A 77 5.44 10.05 18.57
CA ARG A 77 5.40 10.29 20.01
C ARG A 77 6.81 10.40 20.60
N ARG A 78 7.67 9.44 20.28
CA ARG A 78 9.03 9.44 20.81
C ARG A 78 9.95 10.41 20.08
N CYS A 79 9.44 11.07 19.04
CA CYS A 79 10.22 12.03 18.27
C CYS A 79 11.54 11.44 17.76
N VAL A 80 11.62 10.13 17.64
CA VAL A 80 12.83 9.45 17.18
C VAL A 80 13.36 9.99 15.86
N LEU A 81 12.46 10.39 14.97
CA LEU A 81 12.87 10.91 13.67
C LEU A 81 12.75 12.43 13.56
N ALA A 82 12.39 13.09 14.65
CA ALA A 82 12.27 14.55 14.64
C ALA A 82 13.62 15.13 14.33
N GLY A 83 13.72 15.84 13.21
CA GLY A 83 14.99 16.44 12.88
C GLY A 83 15.70 15.79 11.73
N LYS A 84 15.17 14.65 11.28
CA LYS A 84 15.76 13.91 10.18
C LYS A 84 14.92 14.00 8.91
N ASP A 85 15.57 14.26 7.78
CA ASP A 85 14.85 14.35 6.52
C ASP A 85 14.38 12.99 6.03
N VAL A 86 13.16 12.95 5.53
CA VAL A 86 12.60 11.70 5.05
C VAL A 86 11.95 11.84 3.67
N ILE A 87 11.74 10.70 3.02
CA ILE A 87 11.09 10.66 1.73
C ILE A 87 10.06 9.56 2.00
N VAL A 88 8.79 9.83 1.72
CA VAL A 88 7.72 8.87 1.99
C VAL A 88 7.14 8.24 0.73
N ALA A 89 6.77 6.97 0.84
CA ALA A 89 6.17 6.24 -0.28
C ALA A 89 5.37 5.05 0.22
N GLY A 90 4.24 4.78 -0.42
CA GLY A 90 3.44 3.63 -0.02
C GLY A 90 3.02 2.85 -1.24
N HIS A 91 2.72 1.57 -1.03
CA HIS A 91 2.31 0.72 -2.12
C HIS A 91 0.81 0.47 -2.06
N SER A 92 0.11 0.83 -3.14
CA SER A 92 -1.32 0.61 -3.27
C SER A 92 -2.13 1.25 -2.14
N VAL A 93 -2.85 0.46 -1.35
CA VAL A 93 -3.58 1.07 -0.26
C VAL A 93 -2.58 1.75 0.72
N GLY A 94 -1.33 1.31 0.73
CA GLY A 94 -0.31 1.90 1.59
C GLY A 94 -0.14 3.39 1.32
N GLU A 95 -0.53 3.85 0.15
CA GLU A 95 -0.41 5.28 -0.14
C GLU A 95 -1.20 6.15 0.83
N ILE A 96 -2.35 5.66 1.28
CA ILE A 96 -3.17 6.45 2.21
C ILE A 96 -2.39 6.68 3.51
N ALA A 97 -1.72 5.63 3.98
CA ALA A 97 -0.92 5.72 5.20
C ALA A 97 0.27 6.64 4.91
N ALA A 98 0.87 6.50 3.74
CA ALA A 98 2.01 7.34 3.34
C ALA A 98 1.59 8.81 3.36
N TYR A 99 0.37 9.09 2.90
CA TYR A 99 -0.14 10.45 2.87
C TYR A 99 -0.24 11.01 4.28
N ALA A 100 -0.72 10.20 5.21
CA ALA A 100 -0.84 10.63 6.60
C ALA A 100 0.55 10.82 7.19
N ILE A 101 1.48 9.92 6.85
CA ILE A 101 2.83 10.04 7.36
C ILE A 101 3.43 11.35 6.87
N ALA A 102 3.19 11.67 5.61
CA ALA A 102 3.70 12.90 5.00
C ALA A 102 2.87 14.14 5.33
N GLY A 103 1.92 13.99 6.27
CA GLY A 103 1.11 15.11 6.70
C GLY A 103 0.01 15.65 5.79
N VAL A 104 -0.35 14.91 4.75
CA VAL A 104 -1.39 15.38 3.85
C VAL A 104 -2.78 15.22 4.46
N ILE A 105 -2.97 14.14 5.21
CA ILE A 105 -4.25 13.86 5.86
C ILE A 105 -4.07 13.35 7.28
N ALA A 106 -5.07 13.58 8.12
CA ALA A 106 -5.04 13.13 9.52
C ALA A 106 -5.17 11.61 9.55
N ALA A 107 -4.62 10.99 10.60
CA ALA A 107 -4.67 9.54 10.74
C ALA A 107 -6.09 8.97 10.79
N ASP A 108 -6.97 9.63 11.53
CA ASP A 108 -8.35 9.16 11.63
C ASP A 108 -9.02 9.23 10.27
N ASP A 109 -8.77 10.31 9.52
CA ASP A 109 -9.35 10.44 8.20
C ASP A 109 -8.73 9.43 7.23
N ALA A 110 -7.45 9.14 7.42
CA ALA A 110 -6.76 8.19 6.56
C ALA A 110 -7.39 6.80 6.70
N VAL A 111 -7.61 6.37 7.92
CA VAL A 111 -8.22 5.06 8.15
C VAL A 111 -9.63 4.98 7.59
N ALA A 112 -10.43 6.02 7.82
CA ALA A 112 -11.80 6.06 7.32
C ALA A 112 -11.81 6.08 5.79
N LEU A 113 -10.85 6.79 5.20
CA LEU A 113 -10.74 6.88 3.74
C LEU A 113 -10.35 5.52 3.19
N ALA A 114 -9.49 4.84 3.94
CA ALA A 114 -9.06 3.51 3.57
C ALA A 114 -10.26 2.55 3.64
N ALA A 115 -11.09 2.68 4.67
CA ALA A 115 -12.26 1.83 4.82
C ALA A 115 -13.23 2.04 3.64
N THR A 116 -13.33 3.28 3.17
CA THR A 116 -14.21 3.58 2.05
C THR A 116 -13.64 2.95 0.78
N ARG A 117 -12.32 3.06 0.62
CA ARG A 117 -11.62 2.51 -0.53
C ARG A 117 -11.88 1.01 -0.58
N GLY A 118 -11.88 0.37 0.58
CA GLY A 118 -12.11 -1.07 0.62
C GLY A 118 -13.54 -1.47 0.31
N ALA A 119 -14.49 -0.81 0.94
CA ALA A 119 -15.91 -1.10 0.70
C ALA A 119 -16.29 -0.86 -0.75
N GLU A 120 -15.79 0.25 -1.32
CA GLU A 120 -16.10 0.57 -2.71
C GLU A 120 -15.47 -0.42 -3.69
N MET A 121 -14.22 -0.81 -3.45
CA MET A 121 -13.56 -1.74 -4.35
C MET A 121 -14.21 -3.12 -4.23
N ALA A 122 -14.60 -3.49 -3.01
CA ALA A 122 -15.27 -4.78 -2.79
C ALA A 122 -16.49 -4.81 -3.71
N LYS A 123 -17.23 -3.71 -3.69
CA LYS A 123 -18.43 -3.56 -4.52
C LYS A 123 -18.09 -3.74 -5.99
N ALA A 124 -17.00 -3.08 -6.42
CA ALA A 124 -16.56 -3.15 -7.80
C ALA A 124 -16.17 -4.57 -8.24
N CYS A 125 -15.60 -5.35 -7.31
CA CYS A 125 -15.18 -6.71 -7.62
C CYS A 125 -16.36 -7.59 -7.99
N ALA A 126 -17.55 -7.13 -7.64
CA ALA A 126 -18.77 -7.88 -7.92
C ALA A 126 -19.34 -7.60 -9.31
N THR A 127 -18.92 -6.49 -9.92
CA THR A 127 -19.46 -6.14 -11.24
C THR A 127 -18.82 -6.92 -12.39
N GLU A 128 -17.72 -7.59 -12.11
CA GLU A 128 -17.02 -8.37 -13.11
C GLU A 128 -16.17 -9.42 -12.40
N PRO A 129 -16.05 -10.63 -12.97
CA PRO A 129 -15.21 -11.64 -12.29
C PRO A 129 -13.76 -11.38 -12.68
N THR A 130 -13.05 -10.67 -11.82
CA THR A 130 -11.67 -10.32 -12.07
C THR A 130 -10.75 -10.81 -10.96
N GLY A 131 -9.45 -10.69 -11.19
CA GLY A 131 -8.47 -11.11 -10.21
C GLY A 131 -7.11 -10.54 -10.53
N MET A 132 -6.09 -11.03 -9.82
CA MET A 132 -4.73 -10.59 -10.02
C MET A 132 -3.84 -11.83 -9.90
N SER A 133 -2.76 -11.84 -10.64
CA SER A 133 -1.81 -12.95 -10.61
C SER A 133 -0.42 -12.39 -10.73
N ALA A 134 0.44 -12.82 -9.81
CA ALA A 134 1.81 -12.39 -9.83
C ALA A 134 2.47 -13.15 -10.98
N VAL A 135 3.40 -12.50 -11.67
CA VAL A 135 4.14 -13.14 -12.75
C VAL A 135 5.59 -12.83 -12.43
N LEU A 136 6.34 -13.86 -12.04
CA LEU A 136 7.74 -13.68 -11.69
C LEU A 136 8.66 -14.30 -12.73
N GLY A 137 9.72 -13.57 -13.07
CA GLY A 137 10.67 -14.06 -14.04
C GLY A 137 10.19 -13.93 -15.48
N GLY A 138 10.82 -14.67 -16.38
CA GLY A 138 10.45 -14.64 -17.78
C GLY A 138 11.07 -13.42 -18.43
N ASP A 139 11.02 -13.37 -19.76
CA ASP A 139 11.57 -12.25 -20.49
C ASP A 139 10.55 -11.12 -20.37
N GLU A 140 10.98 -10.01 -19.76
CA GLU A 140 10.09 -8.87 -19.53
C GLU A 140 9.23 -8.49 -20.73
N THR A 141 9.86 -8.24 -21.87
CA THR A 141 9.14 -7.86 -23.06
C THR A 141 8.09 -8.91 -23.42
N GLU A 142 8.49 -10.17 -23.44
CA GLU A 142 7.56 -11.24 -23.76
C GLU A 142 6.40 -11.34 -22.76
N VAL A 143 6.69 -11.20 -21.47
CA VAL A 143 5.64 -11.26 -20.46
C VAL A 143 4.66 -10.10 -20.66
N LEU A 144 5.18 -8.87 -20.70
CA LEU A 144 4.32 -7.71 -20.87
C LEU A 144 3.51 -7.82 -22.15
N SER A 145 4.18 -8.15 -23.24
CA SER A 145 3.52 -8.33 -24.53
C SER A 145 2.41 -9.37 -24.42
N ARG A 146 2.68 -10.48 -23.74
CA ARG A 146 1.67 -11.50 -23.60
C ARG A 146 0.47 -10.95 -22.83
N LEU A 147 0.73 -10.14 -21.80
CA LEU A 147 -0.37 -9.57 -21.02
C LEU A 147 -1.32 -8.74 -21.90
N GLU A 148 -0.76 -7.89 -22.75
CA GLU A 148 -1.61 -7.07 -23.63
C GLU A 148 -2.40 -7.95 -24.58
N GLN A 149 -1.77 -9.02 -25.07
CA GLN A 149 -2.41 -9.96 -25.98
C GLN A 149 -3.66 -10.55 -25.34
N LEU A 150 -3.64 -10.73 -24.03
CA LEU A 150 -4.75 -11.32 -23.30
C LEU A 150 -5.67 -10.31 -22.61
N ASP A 151 -5.49 -9.03 -22.92
CA ASP A 151 -6.31 -7.98 -22.32
C ASP A 151 -6.10 -7.88 -20.82
N LEU A 152 -4.89 -8.22 -20.38
CA LEU A 152 -4.54 -8.14 -18.98
C LEU A 152 -3.72 -6.88 -18.76
N VAL A 153 -3.87 -6.28 -17.58
CA VAL A 153 -3.14 -5.08 -17.24
C VAL A 153 -1.99 -5.36 -16.27
N PRO A 154 -0.83 -4.71 -16.48
CA PRO A 154 0.26 -4.94 -15.54
C PRO A 154 -0.07 -3.96 -14.41
N ALA A 155 -1.03 -4.35 -13.58
CA ALA A 155 -1.52 -3.53 -12.48
C ALA A 155 -0.44 -3.17 -11.47
N ASN A 156 0.61 -3.98 -11.41
CA ASN A 156 1.73 -3.73 -10.52
C ASN A 156 3.02 -3.92 -11.33
N ARG A 157 3.92 -2.95 -11.23
CA ARG A 157 5.25 -3.05 -11.84
C ARG A 157 6.07 -2.81 -10.58
N ASN A 158 6.53 -3.89 -9.95
CA ASN A 158 7.27 -3.79 -8.69
C ASN A 158 8.79 -3.77 -8.78
N ALA A 159 9.34 -4.46 -9.77
CA ALA A 159 10.79 -4.53 -9.98
C ALA A 159 11.01 -5.36 -11.25
N ALA A 160 12.23 -5.38 -11.76
CA ALA A 160 12.51 -6.18 -12.95
C ALA A 160 12.13 -7.63 -12.66
N GLY A 161 11.32 -8.23 -13.54
CA GLY A 161 10.90 -9.60 -13.32
C GLY A 161 9.87 -9.77 -12.22
N GLN A 162 9.33 -8.67 -11.72
CA GLN A 162 8.32 -8.75 -10.67
C GLN A 162 7.11 -7.90 -11.06
N ILE A 163 6.12 -8.56 -11.65
CA ILE A 163 4.92 -7.89 -12.11
C ILE A 163 3.68 -8.60 -11.59
N VAL A 164 2.56 -7.89 -11.54
CA VAL A 164 1.31 -8.47 -11.14
C VAL A 164 0.34 -8.15 -12.28
N ALA A 165 -0.21 -9.19 -12.88
CA ALA A 165 -1.16 -9.03 -13.97
C ALA A 165 -2.55 -9.00 -13.37
N ALA A 166 -3.45 -8.24 -14.00
CA ALA A 166 -4.83 -8.17 -13.51
C ALA A 166 -5.81 -8.01 -14.65
N GLY A 167 -6.98 -8.59 -14.47
CA GLY A 167 -8.04 -8.52 -15.46
C GLY A 167 -9.08 -9.56 -15.15
N ARG A 168 -9.86 -9.97 -16.15
CA ARG A 168 -10.89 -10.98 -15.95
C ARG A 168 -10.21 -12.30 -15.63
N LEU A 169 -10.81 -13.05 -14.71
CA LEU A 169 -10.27 -14.34 -14.29
C LEU A 169 -10.05 -15.17 -15.53
N THR A 170 -10.97 -14.99 -16.48
CA THR A 170 -10.92 -15.68 -17.74
C THR A 170 -9.58 -15.47 -18.44
N ALA A 171 -9.11 -14.23 -18.47
CA ALA A 171 -7.84 -13.95 -19.11
C ALA A 171 -6.68 -14.41 -18.23
N LEU A 172 -6.86 -14.32 -16.92
CA LEU A 172 -5.80 -14.75 -16.00
C LEU A 172 -5.57 -16.25 -16.11
N GLU A 173 -6.62 -16.99 -16.42
CA GLU A 173 -6.54 -18.43 -16.56
C GLU A 173 -5.78 -18.81 -17.84
N LYS A 174 -6.05 -18.09 -18.92
CA LYS A 174 -5.35 -18.37 -20.15
C LYS A 174 -3.86 -18.06 -19.96
N LEU A 175 -3.55 -17.13 -19.05
CA LEU A 175 -2.17 -16.75 -18.77
C LEU A 175 -1.45 -17.89 -18.07
N ALA A 176 -2.10 -18.43 -17.05
CA ALA A 176 -1.54 -19.54 -16.27
C ALA A 176 -1.45 -20.81 -17.11
N GLU A 177 -2.35 -20.97 -18.08
CA GLU A 177 -2.33 -22.15 -18.94
C GLU A 177 -1.10 -22.20 -19.84
N ASP A 178 -0.71 -21.06 -20.39
CA ASP A 178 0.44 -20.99 -21.27
C ASP A 178 1.35 -19.83 -20.88
N PRO A 179 2.05 -19.96 -19.75
CA PRO A 179 2.94 -18.88 -19.33
C PRO A 179 4.15 -18.66 -20.23
N PRO A 180 4.59 -17.40 -20.35
CA PRO A 180 5.76 -17.13 -21.18
C PRO A 180 6.95 -17.90 -20.59
N ALA A 181 7.85 -18.34 -21.44
CA ALA A 181 9.03 -19.09 -21.00
C ALA A 181 9.69 -18.53 -19.76
N LYS A 182 9.94 -19.41 -18.79
CA LYS A 182 10.61 -19.05 -17.53
C LYS A 182 9.80 -18.22 -16.54
N ALA A 183 8.64 -17.74 -16.96
CA ALA A 183 7.79 -16.94 -16.07
C ALA A 183 6.87 -17.80 -15.22
N ARG A 184 6.83 -17.49 -13.93
CA ARG A 184 5.99 -18.20 -12.98
C ARG A 184 4.74 -17.36 -12.77
N VAL A 185 3.58 -17.98 -12.91
CA VAL A 185 2.32 -17.28 -12.73
C VAL A 185 1.61 -17.82 -11.50
N ARG A 186 1.30 -16.93 -10.56
CA ARG A 186 0.61 -17.34 -9.35
C ARG A 186 -0.59 -16.43 -9.07
N ALA A 187 -1.78 -17.01 -9.10
CA ALA A 187 -3.00 -16.26 -8.84
C ALA A 187 -2.94 -15.78 -7.40
N LEU A 188 -3.29 -14.51 -7.19
CA LEU A 188 -3.27 -13.95 -5.85
C LEU A 188 -4.63 -14.08 -5.21
N GLY A 189 -4.66 -14.18 -3.88
CA GLY A 189 -5.93 -14.32 -3.19
C GLY A 189 -6.65 -13.00 -2.98
N VAL A 190 -7.07 -12.37 -4.07
CA VAL A 190 -7.78 -11.10 -3.99
C VAL A 190 -9.12 -11.22 -4.71
N ALA A 191 -10.10 -10.42 -4.29
CA ALA A 191 -11.43 -10.48 -4.89
C ALA A 191 -11.58 -9.89 -6.29
N GLY A 192 -10.60 -9.11 -6.73
CA GLY A 192 -10.73 -8.53 -8.06
C GLY A 192 -9.48 -7.93 -8.65
N ALA A 193 -9.63 -7.35 -9.83
CA ALA A 193 -8.52 -6.71 -10.54
C ALA A 193 -8.26 -5.32 -10.02
N PHE A 194 -7.55 -5.22 -8.90
CA PHE A 194 -7.25 -3.93 -8.32
C PHE A 194 -6.35 -3.15 -9.30
N HIS A 195 -6.39 -1.83 -9.18
CA HIS A 195 -5.61 -0.93 -10.03
C HIS A 195 -5.82 -1.12 -11.53
N THR A 196 -7.08 -1.29 -11.92
CA THR A 196 -7.41 -1.43 -13.34
C THR A 196 -8.76 -0.76 -13.53
N GLU A 197 -9.20 -0.63 -14.78
CA GLU A 197 -10.48 -0.01 -15.07
C GLU A 197 -11.64 -0.75 -14.40
N PHE A 198 -11.43 -2.02 -14.07
CA PHE A 198 -12.49 -2.81 -13.44
C PHE A 198 -12.88 -2.27 -12.07
N MET A 199 -12.03 -1.42 -11.49
CA MET A 199 -12.33 -0.81 -10.21
C MET A 199 -13.10 0.50 -10.42
N ALA A 200 -13.28 0.88 -11.69
CA ALA A 200 -13.97 2.12 -12.03
C ALA A 200 -15.24 2.43 -11.24
N PRO A 201 -16.09 1.42 -10.99
CA PRO A 201 -17.31 1.70 -10.24
C PRO A 201 -17.07 2.14 -8.79
N ALA A 202 -15.84 1.96 -8.31
CA ALA A 202 -15.50 2.36 -6.94
C ALA A 202 -15.07 3.83 -6.88
N LEU A 203 -14.78 4.42 -8.02
CA LEU A 203 -14.33 5.81 -8.09
C LEU A 203 -15.26 6.85 -7.44
N ASP A 204 -16.54 6.79 -7.78
CA ASP A 204 -17.51 7.74 -7.25
C ASP A 204 -17.48 7.86 -5.74
N GLY A 205 -17.62 6.73 -5.06
CA GLY A 205 -17.62 6.73 -3.62
C GLY A 205 -16.27 7.14 -3.05
N PHE A 206 -15.20 6.61 -3.62
CA PHE A 206 -13.87 6.94 -3.15
C PHE A 206 -13.56 8.41 -3.41
N ALA A 207 -13.94 8.89 -4.59
CA ALA A 207 -13.70 10.28 -4.95
C ALA A 207 -14.48 11.24 -4.05
N ALA A 208 -15.73 10.90 -3.74
CA ALA A 208 -16.56 11.75 -2.88
C ALA A 208 -15.99 11.81 -1.47
N ALA A 209 -15.58 10.67 -0.96
CA ALA A 209 -15.01 10.61 0.39
C ALA A 209 -13.76 11.50 0.48
N ALA A 210 -12.86 11.34 -0.49
CA ALA A 210 -11.63 12.13 -0.52
C ALA A 210 -11.87 13.64 -0.60
N ALA A 211 -12.83 14.05 -1.42
CA ALA A 211 -13.14 15.48 -1.60
C ALA A 211 -13.69 16.18 -0.36
N ASN A 212 -14.12 15.41 0.63
CA ASN A 212 -14.68 15.97 1.86
C ASN A 212 -13.70 15.96 3.03
N ILE A 213 -12.54 15.35 2.83
CA ILE A 213 -11.53 15.28 3.88
C ILE A 213 -10.65 16.52 3.90
N ALA A 214 -10.28 16.98 5.09
CA ALA A 214 -9.42 18.14 5.24
C ALA A 214 -7.99 17.71 4.89
N THR A 215 -7.33 18.47 4.04
CA THR A 215 -5.97 18.14 3.62
C THR A 215 -4.99 19.28 3.83
N ALA A 216 -3.71 18.97 3.63
CA ALA A 216 -2.65 19.95 3.78
C ALA A 216 -1.52 19.55 2.84
N ASP A 217 -0.70 20.51 2.43
CA ASP A 217 0.42 20.21 1.55
C ASP A 217 1.32 19.27 2.33
N PRO A 218 1.95 18.31 1.64
CA PRO A 218 2.83 17.37 2.35
C PRO A 218 3.98 18.05 3.07
N THR A 219 4.29 17.55 4.26
CA THR A 219 5.38 18.09 5.07
C THR A 219 6.69 17.41 4.70
N ALA A 220 6.61 16.43 3.82
CA ALA A 220 7.80 15.71 3.38
C ALA A 220 7.66 15.31 1.92
N THR A 221 8.77 14.90 1.31
CA THR A 221 8.74 14.47 -0.09
C THR A 221 7.85 13.23 -0.12
N LEU A 222 6.74 13.33 -0.83
CA LEU A 222 5.77 12.24 -0.93
C LEU A 222 5.68 11.76 -2.37
N LEU A 223 6.06 10.51 -2.60
CA LEU A 223 6.02 9.91 -3.93
C LEU A 223 4.65 9.29 -4.21
N SER A 224 4.35 9.09 -5.49
CA SER A 224 3.08 8.51 -5.90
C SER A 224 3.30 7.29 -6.78
N ASN A 225 2.44 6.28 -6.60
CA ASN A 225 2.48 5.04 -7.37
C ASN A 225 2.19 5.32 -8.84
N ARG A 226 1.60 6.48 -9.10
CA ARG A 226 1.26 6.87 -10.47
C ARG A 226 2.47 6.82 -11.39
N ASP A 227 3.54 7.49 -10.97
CA ASP A 227 4.76 7.56 -11.78
C ASP A 227 6.05 7.66 -10.97
N GLY A 228 5.98 7.34 -9.69
CA GLY A 228 7.17 7.41 -8.86
C GLY A 228 7.67 8.84 -8.65
N LYS A 229 6.87 9.82 -9.05
CA LYS A 229 7.27 11.22 -8.87
C LYS A 229 6.54 11.83 -7.69
N PRO A 230 7.15 12.83 -7.03
CA PRO A 230 6.50 13.45 -5.88
C PRO A 230 5.27 14.32 -6.18
N VAL A 231 4.32 14.30 -5.26
CA VAL A 231 3.12 15.13 -5.35
C VAL A 231 3.41 16.20 -4.32
N THR A 232 3.52 17.44 -4.79
CA THR A 232 3.87 18.58 -3.94
C THR A 232 2.75 19.40 -3.32
N SER A 233 1.52 19.17 -3.75
CA SER A 233 0.40 19.93 -3.20
C SER A 233 -0.71 18.99 -2.74
N ALA A 234 -1.47 19.43 -1.75
CA ALA A 234 -2.58 18.65 -1.22
C ALA A 234 -3.50 18.20 -2.35
N ALA A 235 -3.89 19.16 -3.19
CA ALA A 235 -4.79 18.86 -4.30
C ALA A 235 -4.20 17.85 -5.28
N ALA A 236 -2.95 18.06 -5.66
CA ALA A 236 -2.30 17.13 -6.59
C ALA A 236 -2.25 15.75 -5.98
N ALA A 237 -1.85 15.67 -4.72
CA ALA A 237 -1.75 14.38 -4.04
C ALA A 237 -3.10 13.66 -3.97
N MET A 238 -4.15 14.37 -3.56
CA MET A 238 -5.46 13.73 -3.45
C MET A 238 -6.04 13.31 -4.79
N ASP A 239 -5.91 14.17 -5.79
CA ASP A 239 -6.42 13.86 -7.13
C ASP A 239 -5.72 12.61 -7.66
N THR A 240 -4.41 12.53 -7.42
CA THR A 240 -3.65 11.39 -7.87
C THR A 240 -4.04 10.12 -7.10
N LEU A 241 -4.27 10.28 -5.80
CA LEU A 241 -4.68 9.15 -4.96
C LEU A 241 -6.01 8.56 -5.46
N VAL A 242 -6.97 9.42 -5.77
CA VAL A 242 -8.27 8.95 -6.25
C VAL A 242 -8.09 8.23 -7.58
N SER A 243 -7.35 8.85 -8.48
CA SER A 243 -7.10 8.29 -9.78
C SER A 243 -6.36 6.94 -9.73
N GLN A 244 -5.47 6.76 -8.76
CA GLN A 244 -4.73 5.51 -8.64
C GLN A 244 -5.64 4.31 -8.46
N LEU A 245 -6.89 4.56 -8.08
CA LEU A 245 -7.84 3.49 -7.87
C LEU A 245 -7.93 2.56 -9.08
N THR A 246 -7.88 3.13 -10.28
CA THR A 246 -7.97 2.34 -11.50
C THR A 246 -6.67 2.33 -12.29
N GLN A 247 -5.60 2.84 -11.70
CA GLN A 247 -4.31 2.90 -12.40
C GLN A 247 -3.22 1.99 -11.83
N PRO A 248 -2.30 1.55 -12.69
CA PRO A 248 -1.20 0.66 -12.29
C PRO A 248 -0.33 1.27 -11.19
N VAL A 249 0.23 0.40 -10.36
CA VAL A 249 1.12 0.82 -9.29
C VAL A 249 2.54 0.73 -9.84
N ARG A 250 3.16 1.89 -10.09
CA ARG A 250 4.53 1.89 -10.61
C ARG A 250 5.52 1.93 -9.45
N TRP A 251 5.55 0.87 -8.67
CA TRP A 251 6.45 0.81 -7.53
C TRP A 251 7.90 0.89 -8.03
N ASP A 252 8.17 0.30 -9.18
CA ASP A 252 9.51 0.35 -9.76
C ASP A 252 9.98 1.80 -9.98
N LEU A 253 9.07 2.67 -10.41
CA LEU A 253 9.44 4.07 -10.63
C LEU A 253 9.65 4.79 -9.30
N CYS A 254 8.94 4.35 -8.25
CA CYS A 254 9.11 4.98 -6.95
C CYS A 254 10.49 4.69 -6.39
N THR A 255 10.93 3.44 -6.50
CA THR A 255 12.23 3.07 -5.97
C THR A 255 13.33 3.73 -6.79
N ALA A 256 13.08 3.91 -8.09
CA ALA A 256 14.05 4.55 -8.98
C ALA A 256 14.23 5.99 -8.49
N THR A 257 13.14 6.60 -8.04
CA THR A 257 13.19 7.96 -7.53
C THR A 257 13.93 8.02 -6.19
N LEU A 258 13.79 6.98 -5.39
CA LEU A 258 14.48 6.93 -4.10
C LEU A 258 15.99 6.92 -4.36
N ARG A 259 16.38 6.19 -5.39
CA ARG A 259 17.79 6.08 -5.78
C ARG A 259 18.32 7.48 -6.12
N GLU A 260 17.51 8.25 -6.83
CA GLU A 260 17.88 9.61 -7.22
C GLU A 260 18.26 10.45 -6.00
N HIS A 261 17.55 10.25 -4.89
CA HIS A 261 17.83 10.98 -3.67
C HIS A 261 18.95 10.28 -2.91
N THR A 262 19.37 10.87 -1.80
CA THR A 262 20.44 10.29 -1.00
C THR A 262 19.84 9.48 0.14
N VAL A 263 19.03 8.49 -0.22
CA VAL A 263 18.41 7.64 0.80
C VAL A 263 19.53 6.87 1.49
N THR A 264 19.68 7.09 2.79
CA THR A 264 20.72 6.43 3.55
C THR A 264 20.21 5.32 4.44
N ALA A 265 18.89 5.15 4.48
CA ALA A 265 18.29 4.10 5.28
C ALA A 265 16.85 3.86 4.85
N ILE A 266 16.40 2.63 4.97
CA ILE A 266 15.04 2.28 4.58
C ILE A 266 14.25 1.75 5.78
N VAL A 267 13.07 2.30 6.00
CA VAL A 267 12.23 1.84 7.09
C VAL A 267 10.89 1.46 6.51
N GLU A 268 10.50 0.20 6.70
CA GLU A 268 9.22 -0.27 6.21
C GLU A 268 8.33 -0.44 7.43
N PHE A 269 7.16 0.18 7.36
CA PHE A 269 6.20 0.12 8.45
C PHE A 269 5.38 -1.16 8.41
N PRO A 270 4.78 -1.55 9.54
CA PRO A 270 3.97 -2.77 9.59
C PRO A 270 2.60 -2.56 8.94
N PRO A 271 1.95 -3.65 8.50
CA PRO A 271 2.50 -5.00 8.60
C PRO A 271 3.60 -5.20 7.55
N ALA A 272 4.85 -5.17 7.99
CA ALA A 272 6.00 -5.32 7.10
C ALA A 272 5.75 -6.38 6.03
N GLY A 273 6.08 -6.03 4.79
CA GLY A 273 5.87 -6.94 3.70
C GLY A 273 7.15 -7.25 2.93
N THR A 274 7.20 -6.82 1.67
CA THR A 274 8.35 -7.05 0.82
C THR A 274 8.95 -5.76 0.26
N LEU A 275 8.41 -4.62 0.65
CA LEU A 275 8.92 -3.35 0.12
C LEU A 275 10.39 -3.14 0.43
N SER A 276 10.79 -3.48 1.65
CA SER A 276 12.18 -3.34 2.07
C SER A 276 13.10 -4.09 1.11
N GLY A 277 12.77 -5.36 0.86
CA GLY A 277 13.57 -6.18 -0.04
C GLY A 277 13.61 -5.63 -1.46
N ILE A 278 12.45 -5.18 -1.95
CA ILE A 278 12.40 -4.62 -3.29
C ILE A 278 13.26 -3.36 -3.33
N ALA A 279 13.10 -2.49 -2.33
CA ALA A 279 13.85 -1.24 -2.25
C ALA A 279 15.37 -1.47 -2.13
N LYS A 280 15.77 -2.56 -1.50
CA LYS A 280 17.17 -2.91 -1.33
C LYS A 280 17.87 -3.10 -2.67
N ARG A 281 17.19 -3.81 -3.58
CA ARG A 281 17.75 -4.12 -4.87
C ARG A 281 18.27 -2.91 -5.65
N GLU A 282 17.62 -1.77 -5.53
CA GLU A 282 18.04 -0.58 -6.25
C GLU A 282 18.91 0.31 -5.38
N LEU A 283 18.66 0.28 -4.07
CA LEU A 283 19.43 1.08 -3.12
C LEU A 283 20.41 0.18 -2.40
N ARG A 284 21.38 -0.35 -3.14
CA ARG A 284 22.37 -1.26 -2.57
C ARG A 284 23.30 -0.57 -1.58
N GLY A 285 23.57 -1.23 -0.47
CA GLY A 285 24.45 -0.66 0.53
C GLY A 285 23.67 0.15 1.54
N VAL A 286 22.36 0.22 1.35
CA VAL A 286 21.49 0.97 2.24
C VAL A 286 20.82 0.02 3.23
N PRO A 287 21.04 0.23 4.54
CA PRO A 287 20.41 -0.64 5.53
C PRO A 287 18.90 -0.43 5.60
N ALA A 288 18.17 -1.52 5.82
CA ALA A 288 16.72 -1.47 5.92
C ALA A 288 16.26 -1.98 7.27
N ARG A 289 15.10 -1.50 7.71
CA ARG A 289 14.54 -1.91 8.99
C ARG A 289 13.07 -2.26 8.80
N ALA A 290 12.72 -3.49 9.17
CA ALA A 290 11.35 -3.98 9.08
C ALA A 290 10.66 -3.81 10.42
N VAL A 291 9.78 -2.82 10.52
CA VAL A 291 9.07 -2.58 11.77
C VAL A 291 7.89 -3.52 11.95
N LYS A 292 8.04 -4.47 12.86
CA LYS A 292 6.97 -5.42 13.15
C LYS A 292 6.64 -5.43 14.63
N SER A 293 7.38 -4.64 15.40
CA SER A 293 7.17 -4.55 16.84
C SER A 293 7.67 -3.24 17.41
N PRO A 294 7.00 -2.71 18.45
CA PRO A 294 7.38 -1.46 19.08
C PRO A 294 8.84 -1.48 19.52
N ALA A 295 9.37 -2.68 19.75
CA ALA A 295 10.75 -2.85 20.17
C ALA A 295 11.71 -2.54 19.03
N ASP A 296 11.19 -1.99 17.95
CA ASP A 296 12.01 -1.64 16.79
C ASP A 296 12.04 -0.14 16.59
N LEU A 297 11.03 0.55 17.10
CA LEU A 297 10.96 2.00 16.96
C LEU A 297 12.07 2.74 17.69
N ASP A 298 13.03 1.99 18.22
CA ASP A 298 14.16 2.58 18.94
C ASP A 298 15.36 2.73 18.01
N GLU A 299 15.85 1.61 17.50
CA GLU A 299 16.99 1.57 16.60
C GLU A 299 16.91 2.62 15.50
N LEU A 300 15.70 2.93 15.07
CA LEU A 300 15.49 3.90 14.00
C LEU A 300 16.26 5.20 14.22
N ALA A 301 16.45 5.58 15.47
CA ALA A 301 17.17 6.80 15.81
C ALA A 301 18.64 6.68 15.41
N ASN A 302 19.30 5.65 15.93
CA ASN A 302 20.71 5.42 15.64
C ASN A 302 20.89 5.09 14.15
C ACY B . -4.60 -2.26 -3.05
O ACY B . -5.16 -1.40 -3.71
OXT ACY B . -4.15 -1.98 -1.81
CH3 ACY B . -4.39 -3.63 -3.61
#